data_3X1D
#
_entry.id   3X1D
#
_cell.length_a   71.617
_cell.length_b   63.907
_cell.length_c   107.762
_cell.angle_alpha   90.00
_cell.angle_beta   101.60
_cell.angle_gamma   90.00
#
_symmetry.space_group_name_H-M   'C 1 2 1'
#
loop_
_entity.id
_entity.type
_entity.pdbx_description
1 polymer Atlastin
2 non-polymer "GUANOSINE-5'-DIPHOSPHATE"
3 non-polymer 'MAGNESIUM ION'
4 water water
#
_entity_poly.entity_id   1
_entity_poly.type   'polypeptide(L)'
_entity_poly.pdbx_seq_one_letter_code
;MGGSAVQVINASEEHTFVLNEDALSEVLMRDEVKDRFVCVVSVAGAFRKGKSFLLDFFLRYMYSKYVHHDATDWLGGESD
PLEGFSWRGGSERDTTGILMWSDIFLHDYPNGDKIAIILLDTQGAFDSQSTVRDCATVFALSTMLSSVQIYNLSQNIQED
DLQHLQLFTEYGRLALADTGKKPFQRLQFLVRDWSFPYEAEYGALGGDKILKRRLEVSDKQHPELQSLRRHISSCFTEVA
CFLMPHPGLNVATNPKFDGRLQDITPEFKSSLRSLVPMLLAPDNLVYKEISGQRVRARDLIQYFQSYMNIYKGNELPEPK
SMLVATAEANHLTAVAAAKELYGQLMEEVCGGTRPYLSTAHLQTEHLRVKDKALFQFAAKRKMGGEEFTEKFRKQLEDDL
EEVFTNYQAHNESKNIFKAARTPAVYFACAVIMYILSGIFGLVGLYTFANFCNLVMGVALLTLALWAYIRYSGELSDFGG
KLDDFATLLWEKFMRPIYHGCMEKGIHHVATHATEMAVGGGAASYRSQTSVNASNGKVKRS
;
_entity_poly.pdbx_strand_id   A
#
loop_
_chem_comp.id
_chem_comp.type
_chem_comp.name
_chem_comp.formula
GDP RNA linking GUANOSINE-5'-DIPHOSPHATE 'C10 H15 N5 O11 P2'
MG non-polymer 'MAGNESIUM ION' 'Mg 2'
#
# COMPACT_ATOMS: atom_id res chain seq x y z
N GLY A 3 25.49 -3.71 -0.57
CA GLY A 3 25.51 -3.28 0.82
C GLY A 3 24.54 -4.06 1.69
N SER A 4 24.16 -3.47 2.81
CA SER A 4 23.30 -4.14 3.79
C SER A 4 21.99 -4.58 3.17
N ALA A 5 21.43 -3.77 2.28
CA ALA A 5 20.21 -4.14 1.59
C ALA A 5 20.06 -3.32 0.32
N VAL A 6 19.25 -3.82 -0.62
CA VAL A 6 19.06 -3.11 -1.86
C VAL A 6 17.61 -2.74 -2.09
N GLN A 7 17.39 -1.92 -3.09
CA GLN A 7 16.05 -1.57 -3.49
C GLN A 7 15.74 -2.30 -4.77
N VAL A 8 14.63 -3.00 -4.79
CA VAL A 8 14.29 -3.78 -5.97
C VAL A 8 13.29 -3.03 -6.83
N ILE A 9 13.48 -3.10 -8.13
CA ILE A 9 12.52 -2.51 -9.05
C ILE A 9 11.29 -3.40 -9.02
N ASN A 10 10.14 -2.83 -9.39
CA ASN A 10 8.95 -3.65 -9.53
C ASN A 10 8.33 -3.54 -10.90
N ALA A 11 8.33 -2.33 -11.46
CA ALA A 11 7.86 -2.11 -12.81
C ALA A 11 8.92 -1.42 -13.65
N SER A 12 8.70 -1.40 -14.95
CA SER A 12 9.50 -0.57 -15.84
C SER A 12 8.49 0.33 -16.53
N GLU A 13 8.88 0.93 -17.67
CA GLU A 13 7.91 1.68 -18.45
C GLU A 13 8.31 1.62 -19.91
N GLU A 14 9.18 2.54 -20.32
CA GLU A 14 9.70 2.58 -21.68
C GLU A 14 10.11 1.20 -22.15
N HIS A 15 9.36 0.67 -23.11
CA HIS A 15 8.33 1.44 -23.80
C HIS A 15 6.93 0.98 -23.43
N THR A 16 6.85 -0.14 -22.70
CA THR A 16 5.58 -0.76 -22.32
C THR A 16 5.19 -0.42 -20.86
N PHE A 17 5.03 -1.44 -20.02
CA PHE A 17 4.77 -1.23 -18.59
C PHE A 17 4.78 -2.54 -17.81
N VAL A 18 5.89 -3.26 -17.95
CA VAL A 18 6.06 -4.58 -17.38
C VAL A 18 5.96 -4.63 -15.87
N LEU A 19 5.63 -5.82 -15.36
CA LEU A 19 5.73 -6.14 -13.95
C LEU A 19 6.85 -7.15 -13.82
N ASN A 20 7.62 -7.00 -12.75
CA ASN A 20 8.60 -7.99 -12.38
C ASN A 20 7.96 -8.92 -11.36
N GLU A 21 7.07 -9.77 -11.88
CA GLU A 21 6.22 -10.63 -11.05
C GLU A 21 7.05 -11.43 -10.06
N ASP A 22 8.06 -12.12 -10.58
CA ASP A 22 8.95 -12.93 -9.75
C ASP A 22 9.57 -12.04 -8.68
N ALA A 23 10.12 -10.92 -9.13
CA ALA A 23 10.85 -9.99 -8.28
C ALA A 23 10.07 -9.56 -7.05
N LEU A 24 8.86 -9.08 -7.25
CA LEU A 24 8.01 -8.72 -6.13
C LEU A 24 7.74 -9.96 -5.30
N SER A 25 7.54 -11.07 -5.99
CA SER A 25 7.13 -12.30 -5.35
C SER A 25 8.32 -12.90 -4.67
N GLU A 26 9.51 -12.66 -5.22
CA GLU A 26 10.71 -13.27 -4.67
C GLU A 26 11.16 -12.66 -3.34
N VAL A 27 10.25 -11.94 -2.66
CA VAL A 27 10.62 -11.22 -1.44
C VAL A 27 9.47 -11.11 -0.46
N LEU A 28 8.29 -10.85 -0.98
CA LEU A 28 7.11 -10.77 -0.13
C LEU A 28 6.78 -12.14 0.42
N MET A 29 7.10 -13.15 -0.38
CA MET A 29 6.87 -14.55 -0.03
C MET A 29 7.87 -15.13 0.98
N ARG A 30 8.94 -14.41 1.27
CA ARG A 30 9.81 -14.75 2.38
C ARG A 30 8.93 -14.89 3.60
N ASP A 31 9.38 -15.64 4.61
CA ASP A 31 8.51 -15.94 5.75
C ASP A 31 8.13 -14.71 6.57
N GLU A 32 7.94 -13.62 5.85
CA GLU A 32 7.20 -12.47 6.28
C GLU A 32 5.99 -12.55 5.36
N VAL A 33 5.56 -13.78 5.08
CA VAL A 33 4.39 -14.03 4.24
C VAL A 33 3.13 -13.49 4.89
N LYS A 34 3.33 -12.62 5.88
CA LYS A 34 2.40 -12.41 6.95
C LYS A 34 3.31 -11.74 7.98
N ASP A 35 2.78 -11.33 9.11
CA ASP A 35 1.36 -11.22 9.32
C ASP A 35 1.06 -9.76 9.10
N ARG A 36 0.02 -9.49 8.32
CA ARG A 36 -0.42 -8.13 8.06
C ARG A 36 0.63 -7.36 7.28
N PHE A 37 0.43 -7.22 5.97
CA PHE A 37 1.32 -6.48 5.09
C PHE A 37 1.74 -5.14 5.70
N VAL A 38 0.82 -4.17 5.74
CA VAL A 38 0.85 -3.06 6.69
C VAL A 38 2.12 -2.21 6.83
N CYS A 39 2.05 -0.97 6.39
CA CYS A 39 3.22 -0.13 6.33
C CYS A 39 4.27 -0.89 5.52
N VAL A 40 4.19 -0.96 4.20
CA VAL A 40 3.27 -0.23 3.31
C VAL A 40 3.18 1.28 3.55
N VAL A 41 4.34 1.88 3.77
CA VAL A 41 4.42 3.31 3.84
C VAL A 41 5.04 3.73 2.53
N SER A 42 4.50 4.77 1.92
CA SER A 42 5.01 5.18 0.63
C SER A 42 5.16 6.68 0.58
N VAL A 43 6.12 7.11 -0.24
CA VAL A 43 6.28 8.54 -0.54
C VAL A 43 6.16 8.76 -2.05
N ALA A 44 5.43 9.80 -2.44
CA ALA A 44 5.30 10.10 -3.86
C ALA A 44 5.10 11.58 -4.08
N GLY A 45 5.39 11.98 -5.31
CA GLY A 45 5.11 13.33 -5.74
C GLY A 45 6.18 13.79 -6.69
N ALA A 46 6.30 15.11 -6.78
CA ALA A 46 7.29 15.83 -7.59
C ALA A 46 8.68 15.22 -7.64
N PHE A 47 9.07 14.76 -8.83
CA PHE A 47 10.43 14.23 -9.07
C PHE A 47 11.46 15.18 -8.53
N ARG A 48 12.37 14.65 -7.72
CA ARG A 48 13.47 15.43 -7.18
C ARG A 48 12.98 16.64 -6.43
N LYS A 49 12.02 16.37 -5.58
CA LYS A 49 11.59 17.30 -4.56
C LYS A 49 12.09 16.63 -3.31
N GLY A 50 13.03 15.71 -3.50
CA GLY A 50 13.76 15.12 -2.40
C GLY A 50 13.06 13.92 -1.82
N LYS A 51 12.44 13.10 -2.68
CA LYS A 51 11.81 11.86 -2.25
C LYS A 51 12.83 10.80 -1.78
N SER A 52 13.64 10.32 -2.71
CA SER A 52 14.56 9.23 -2.46
C SER A 52 15.69 9.72 -1.58
N PHE A 53 15.35 10.30 -0.44
CA PHE A 53 16.31 10.96 0.46
C PHE A 53 15.64 11.06 1.82
N LEU A 54 14.43 11.58 1.85
CA LEU A 54 13.63 11.49 3.04
C LEU A 54 13.51 10.02 3.41
N LEU A 55 13.46 9.18 2.38
CA LEU A 55 13.41 7.74 2.57
C LEU A 55 14.76 7.26 3.08
N ASP A 56 15.82 7.85 2.54
CA ASP A 56 17.13 7.39 2.90
C ASP A 56 17.47 7.74 4.36
N PHE A 57 16.60 8.50 5.01
CA PHE A 57 16.73 8.76 6.45
C PHE A 57 15.73 7.92 7.17
N PHE A 58 14.75 7.41 6.42
CA PHE A 58 13.76 6.52 6.99
C PHE A 58 14.48 5.25 7.43
N LEU A 59 15.58 4.93 6.76
CA LEU A 59 16.39 3.76 7.12
C LEU A 59 17.42 4.08 8.23
N ARG A 60 18.35 4.98 7.91
CA ARG A 60 19.31 5.46 8.89
C ARG A 60 18.58 6.19 10.00
N TYR A 61 17.59 5.50 10.57
CA TYR A 61 16.83 6.00 11.71
C TYR A 61 15.68 5.02 11.99
N MET A 62 15.57 3.97 11.18
CA MET A 62 14.65 2.88 11.51
C MET A 62 15.40 1.61 11.77
N TYR A 63 16.44 1.37 11.00
CA TYR A 63 17.36 0.26 11.25
C TYR A 63 17.90 0.19 12.69
N SER A 64 17.22 0.85 13.63
CA SER A 64 17.80 1.13 14.92
C SER A 64 16.70 1.40 15.94
N LYS A 65 15.48 1.02 15.59
CA LYS A 65 14.43 0.95 16.60
C LYS A 65 13.76 -0.39 16.41
N TYR A 66 14.21 -1.10 15.38
CA TYR A 66 13.68 -2.41 15.07
C TYR A 66 14.83 -3.40 15.04
N VAL A 67 16.01 -2.89 14.68
CA VAL A 67 17.21 -3.68 14.71
C VAL A 67 18.08 -3.22 15.88
N HIS A 68 19.36 -2.99 15.59
CA HIS A 68 20.32 -2.56 16.59
C HIS A 68 19.77 -1.42 17.42
N HIS A 69 19.07 -1.73 18.51
CA HIS A 69 18.40 -0.71 19.31
C HIS A 69 19.33 0.31 19.94
N ASP A 70 20.59 0.28 19.52
CA ASP A 70 21.52 1.37 19.77
C ASP A 70 22.56 1.50 18.65
N ALA A 71 23.75 0.97 18.87
CA ALA A 71 24.88 1.21 17.96
C ALA A 71 24.81 0.50 16.61
N THR A 72 25.99 0.22 16.04
CA THR A 72 26.13 -0.50 14.78
C THR A 72 27.59 -0.88 14.51
N GLU A 92 16.39 3.41 -9.97
CA GLU A 92 15.39 3.58 -11.01
C GLU A 92 16.03 4.32 -12.15
N ARG A 93 17.31 4.03 -12.35
CA ARG A 93 18.19 4.82 -13.21
C ARG A 93 17.61 5.16 -14.58
N ASP A 94 17.02 4.16 -15.22
CA ASP A 94 16.44 4.37 -16.54
C ASP A 94 15.01 3.88 -16.57
N THR A 95 14.46 3.56 -15.42
CA THR A 95 13.11 2.98 -15.38
C THR A 95 12.28 3.51 -14.23
N THR A 96 11.02 3.81 -14.52
CA THR A 96 10.05 4.14 -13.49
C THR A 96 9.65 2.87 -12.75
N GLY A 97 8.36 2.71 -12.55
CA GLY A 97 7.91 1.67 -11.65
C GLY A 97 8.04 2.24 -10.27
N ILE A 98 8.04 1.37 -9.27
CA ILE A 98 8.15 1.80 -7.90
C ILE A 98 9.19 0.92 -7.23
N LEU A 99 9.77 1.38 -6.13
CA LEU A 99 10.82 0.64 -5.46
C LEU A 99 10.28 -0.10 -4.25
N MET A 100 10.99 -1.15 -3.86
CA MET A 100 10.73 -1.80 -2.59
C MET A 100 12.10 -2.07 -2.03
N TRP A 101 12.30 -1.84 -0.74
CA TRP A 101 13.59 -2.22 -0.19
C TRP A 101 13.60 -3.67 0.13
N SER A 102 14.72 -4.32 -0.17
CA SER A 102 14.87 -5.76 0.08
C SER A 102 14.65 -6.06 1.55
N ASP A 103 15.14 -5.19 2.43
CA ASP A 103 14.89 -5.36 3.85
C ASP A 103 13.42 -5.11 4.16
N ILE A 104 12.95 -5.68 5.27
CA ILE A 104 11.53 -5.59 5.70
C ILE A 104 11.48 -5.77 7.22
N PHE A 105 10.68 -4.95 7.91
CA PHE A 105 10.84 -4.80 9.35
C PHE A 105 9.74 -5.42 10.23
N LEU A 106 10.00 -6.62 10.79
CA LEU A 106 8.99 -7.42 11.50
C LEU A 106 8.73 -7.01 12.96
N HIS A 107 7.67 -7.57 13.56
CA HIS A 107 7.20 -7.18 14.90
C HIS A 107 6.37 -8.40 15.39
N ASP A 108 5.66 -8.45 16.54
CA ASP A 108 5.42 -7.42 17.55
C ASP A 108 4.96 -8.08 18.85
N TYR A 109 3.77 -8.67 18.80
CA TYR A 109 2.95 -8.99 19.98
C TYR A 109 2.50 -7.66 20.61
N PRO A 110 1.76 -7.69 21.74
CA PRO A 110 0.98 -8.73 22.40
C PRO A 110 -0.33 -9.01 21.67
N ASN A 111 -1.20 -8.01 21.62
CA ASN A 111 -2.47 -8.12 20.91
C ASN A 111 -2.30 -7.84 19.44
N GLY A 112 -1.08 -8.00 18.92
CA GLY A 112 -0.82 -7.80 17.51
C GLY A 112 -1.31 -8.97 16.68
N ASP A 113 -0.55 -9.49 15.71
CA ASP A 113 0.65 -8.89 15.09
C ASP A 113 1.96 -8.86 15.89
N LYS A 114 3.10 -9.26 15.30
CA LYS A 114 3.27 -9.86 13.96
C LYS A 114 2.95 -8.97 12.77
N ILE A 115 3.89 -8.10 12.39
CA ILE A 115 3.68 -7.16 11.28
C ILE A 115 4.93 -6.84 10.47
N ALA A 116 4.89 -7.11 9.17
CA ALA A 116 6.00 -6.73 8.29
C ALA A 116 5.97 -5.22 7.96
N ILE A 117 7.11 -4.62 7.65
CA ILE A 117 7.11 -3.21 7.31
C ILE A 117 7.83 -2.87 6.02
N ILE A 118 7.07 -2.24 5.13
CA ILE A 118 7.47 -2.09 3.74
C ILE A 118 7.69 -0.63 3.41
N LEU A 119 8.69 -0.36 2.56
CA LEU A 119 8.97 0.99 2.13
C LEU A 119 9.00 1.01 0.63
N LEU A 120 8.20 1.89 0.05
CA LEU A 120 8.20 2.13 -1.38
C LEU A 120 8.61 3.57 -1.66
N ASP A 121 9.35 3.80 -2.73
CA ASP A 121 9.93 5.10 -3.04
C ASP A 121 9.79 5.42 -4.51
N THR A 122 8.73 6.11 -4.90
CA THR A 122 8.48 6.34 -6.33
C THR A 122 9.64 7.07 -6.99
N GLN A 123 9.77 6.90 -8.29
CA GLN A 123 11.02 7.25 -8.95
C GLN A 123 10.94 7.16 -10.46
N GLY A 124 12.10 6.86 -11.03
CA GLY A 124 12.25 6.58 -12.45
C GLY A 124 11.78 7.61 -13.44
N ALA A 125 10.97 7.15 -14.39
CA ALA A 125 10.42 8.02 -15.42
C ALA A 125 9.51 9.06 -14.78
N PHE A 126 10.11 10.13 -14.30
CA PHE A 126 9.33 11.24 -13.80
C PHE A 126 9.77 12.52 -14.49
N ASP A 127 8.77 13.26 -14.97
CA ASP A 127 8.98 14.47 -15.75
C ASP A 127 7.60 15.03 -16.09
N CYS A 135 4.81 14.72 -9.69
CA CYS A 135 4.02 13.51 -9.80
C CYS A 135 3.84 13.15 -11.27
N ALA A 136 4.44 12.04 -11.69
CA ALA A 136 4.40 11.63 -13.10
C ALA A 136 3.44 10.45 -13.39
N THR A 137 2.22 10.56 -12.91
CA THR A 137 1.12 9.60 -13.18
C THR A 137 1.33 8.17 -12.63
N VAL A 138 2.29 8.01 -11.73
CA VAL A 138 2.52 6.74 -11.02
C VAL A 138 2.44 7.02 -9.52
N PHE A 139 1.38 7.71 -9.14
CA PHE A 139 1.16 8.14 -7.79
C PHE A 139 -0.09 7.41 -7.33
N ALA A 140 -0.86 6.91 -8.30
CA ALA A 140 -2.07 6.14 -8.02
C ALA A 140 -1.76 4.72 -7.53
N LEU A 141 -0.98 3.98 -8.31
CA LEU A 141 -0.34 2.76 -7.82
C LEU A 141 0.17 2.97 -6.42
N SER A 142 1.23 3.76 -6.32
CA SER A 142 1.80 4.14 -5.04
C SER A 142 0.82 4.93 -4.20
N THR A 143 -0.36 4.37 -3.99
CA THR A 143 -1.40 4.99 -3.18
C THR A 143 -2.51 3.99 -3.10
N MET A 144 -2.66 3.30 -4.20
CA MET A 144 -3.61 2.21 -4.27
C MET A 144 -2.99 1.10 -3.46
N LEU A 145 -1.66 1.09 -3.46
CA LEU A 145 -0.90 0.03 -2.81
C LEU A 145 -0.32 0.41 -1.46
N SER A 146 -0.99 1.28 -0.69
CA SER A 146 -0.32 1.93 0.45
C SER A 146 -1.18 2.21 1.68
N SER A 147 -0.64 1.93 2.84
CA SER A 147 -1.35 2.25 4.07
C SER A 147 -0.98 3.63 4.60
N VAL A 148 0.17 4.16 4.19
CA VAL A 148 0.61 5.51 4.56
C VAL A 148 1.19 6.26 3.38
N GLN A 149 0.40 7.11 2.76
CA GLN A 149 0.90 7.89 1.64
C GLN A 149 1.45 9.24 2.05
N ILE A 150 2.64 9.52 1.56
CA ILE A 150 3.30 10.75 1.85
C ILE A 150 3.42 11.42 0.53
N TYR A 151 2.54 12.37 0.31
CA TYR A 151 2.54 13.13 -0.90
C TYR A 151 3.64 14.12 -0.68
N ASN A 152 4.75 13.94 -1.38
CA ASN A 152 5.93 14.76 -1.14
C ASN A 152 5.89 16.09 -1.84
N LEU A 153 5.25 17.10 -1.25
CA LEU A 153 5.04 18.38 -1.90
C LEU A 153 6.06 19.48 -1.59
N SER A 154 6.20 20.44 -2.49
CA SER A 154 7.19 21.50 -2.39
C SER A 154 6.56 22.87 -2.12
N GLN A 155 7.26 23.69 -1.33
CA GLN A 155 6.88 25.07 -1.10
C GLN A 155 5.52 25.18 -0.45
N ASN A 156 4.47 24.99 -1.27
CA ASN A 156 3.08 25.01 -0.81
C ASN A 156 2.24 23.85 -1.33
N ILE A 157 1.09 23.66 -0.69
CA ILE A 157 -0.01 22.86 -1.20
C ILE A 157 -0.78 23.72 -2.18
N GLN A 158 -0.46 23.56 -3.46
CA GLN A 158 -1.13 24.26 -4.55
C GLN A 158 -2.40 23.48 -4.94
N GLU A 159 -3.17 24.00 -5.90
CA GLU A 159 -4.39 23.35 -6.40
C GLU A 159 -4.12 22.24 -7.38
N ASP A 160 -3.16 22.44 -8.28
CA ASP A 160 -2.78 21.35 -9.15
C ASP A 160 -2.45 20.10 -8.33
N ASP A 161 -1.72 20.29 -7.25
CA ASP A 161 -1.36 19.20 -6.34
C ASP A 161 -2.59 18.55 -5.74
N LEU A 162 -3.59 19.39 -5.49
CA LEU A 162 -4.87 18.94 -4.96
C LEU A 162 -5.67 18.23 -6.06
N GLN A 163 -5.29 18.49 -7.31
CA GLN A 163 -6.06 17.99 -8.44
C GLN A 163 -5.58 16.59 -8.84
N HIS A 164 -4.47 16.13 -8.27
CA HIS A 164 -4.05 14.76 -8.55
C HIS A 164 -4.73 13.77 -7.60
N LEU A 165 -5.50 14.31 -6.67
CA LEU A 165 -6.16 13.47 -5.68
C LEU A 165 -7.60 13.27 -6.06
N GLN A 166 -7.96 13.53 -7.31
CA GLN A 166 -9.34 13.29 -7.73
C GLN A 166 -9.65 11.79 -7.90
N LEU A 167 -8.89 11.09 -8.76
CA LEU A 167 -9.20 9.72 -9.13
C LEU A 167 -9.18 8.69 -8.01
N PHE A 168 -9.53 9.12 -6.81
CA PHE A 168 -9.61 8.24 -5.66
C PHE A 168 -10.84 8.61 -4.88
N THR A 169 -11.16 9.90 -4.89
CA THR A 169 -12.26 10.38 -4.08
C THR A 169 -13.56 9.97 -4.74
N GLU A 170 -13.48 9.74 -6.04
CA GLU A 170 -14.58 9.12 -6.75
C GLU A 170 -14.48 7.60 -6.59
N TYR A 171 -13.35 7.04 -7.00
CA TYR A 171 -13.13 5.60 -6.91
C TYR A 171 -13.55 5.09 -5.54
N GLY A 172 -13.30 5.89 -4.53
CA GLY A 172 -13.60 5.48 -3.18
C GLY A 172 -15.06 5.74 -2.86
N ARG A 173 -15.64 6.75 -3.51
CA ARG A 173 -17.00 7.16 -3.23
C ARG A 173 -17.93 6.05 -3.65
N LEU A 174 -17.60 5.44 -4.77
CA LEU A 174 -18.28 4.25 -5.22
C LEU A 174 -18.12 3.25 -4.10
N ALA A 175 -16.89 2.83 -3.88
CA ALA A 175 -16.54 1.91 -2.81
C ALA A 175 -17.24 2.27 -1.51
N LEU A 176 -17.38 3.56 -1.23
CA LEU A 176 -18.10 4.01 -0.05
C LEU A 176 -19.53 3.53 -0.09
N ALA A 177 -20.17 3.64 -1.24
CA ALA A 177 -21.47 3.02 -1.40
C ALA A 177 -21.28 1.49 -1.35
N ASP A 178 -20.35 0.99 -2.16
CA ASP A 178 -20.10 -0.44 -2.29
C ASP A 178 -19.68 -1.14 -0.99
N THR A 179 -18.38 -1.10 -0.68
CA THR A 179 -17.85 -1.77 0.52
C THR A 179 -18.54 -1.28 1.78
N GLY A 180 -18.77 0.02 1.84
CA GLY A 180 -19.31 0.64 3.03
C GLY A 180 -18.20 1.15 3.92
N LYS A 181 -16.97 0.76 3.61
CA LYS A 181 -15.81 1.13 4.41
C LYS A 181 -14.72 1.87 3.62
N LYS A 182 -14.42 3.10 4.06
CA LYS A 182 -13.41 3.97 3.46
C LYS A 182 -12.14 3.25 3.08
N PRO A 183 -11.85 3.19 1.78
CA PRO A 183 -10.53 2.70 1.40
C PRO A 183 -9.60 3.83 1.74
N PHE A 184 -8.31 3.55 1.71
CA PHE A 184 -7.30 4.53 2.03
C PHE A 184 -7.37 4.92 3.50
N GLN A 185 -6.20 4.92 4.13
CA GLN A 185 -6.16 5.27 5.53
C GLN A 185 -5.60 6.66 5.72
N ARG A 186 -4.27 6.75 5.58
CA ARG A 186 -3.53 7.96 5.92
C ARG A 186 -2.83 8.58 4.73
N LEU A 187 -3.13 9.84 4.49
CA LEU A 187 -2.35 10.58 3.52
C LEU A 187 -1.64 11.70 4.27
N GLN A 188 -0.37 11.85 3.98
CA GLN A 188 0.43 12.83 4.66
C GLN A 188 0.88 13.80 3.63
N PHE A 189 0.27 14.98 3.66
CA PHE A 189 0.85 16.07 2.93
C PHE A 189 2.15 16.46 3.63
N LEU A 190 3.26 16.36 2.91
CA LEU A 190 4.54 16.78 3.45
C LEU A 190 5.08 18.02 2.72
N VAL A 191 5.15 19.15 3.41
CA VAL A 191 5.63 20.37 2.76
C VAL A 191 7.11 20.65 3.00
N ARG A 192 7.89 20.47 1.95
CA ARG A 192 9.33 20.58 1.98
C ARG A 192 9.75 22.00 1.63
N ASP A 193 10.55 22.61 2.49
CA ASP A 193 10.96 24.00 2.35
C ASP A 193 9.87 24.97 2.63
N TRP A 194 8.90 24.62 3.47
CA TRP A 194 7.92 25.60 3.91
C TRP A 194 8.69 26.85 4.31
N SER A 195 8.16 28.03 4.02
CA SER A 195 8.96 29.23 4.25
C SER A 195 8.28 30.40 4.93
N PHE A 196 7.13 30.19 5.55
CA PHE A 196 6.60 31.19 6.50
C PHE A 196 6.14 30.56 7.82
N PRO A 197 7.09 30.13 8.65
CA PRO A 197 6.68 29.59 9.95
C PRO A 197 6.03 30.64 10.83
N TYR A 198 6.06 31.89 10.41
CA TYR A 198 5.49 32.93 11.24
C TYR A 198 3.99 32.95 11.11
N GLU A 199 3.50 32.43 10.01
CA GLU A 199 2.07 32.30 9.82
C GLU A 199 1.68 30.91 10.30
N ALA A 200 2.41 29.90 9.87
CA ALA A 200 2.15 28.55 10.38
C ALA A 200 3.43 27.77 10.74
N GLU A 201 3.61 27.51 12.04
CA GLU A 201 4.84 26.92 12.58
C GLU A 201 5.10 25.55 11.99
N TYR A 202 6.37 25.24 11.74
CA TYR A 202 6.75 23.95 11.20
C TYR A 202 6.09 22.83 11.97
N GLY A 203 5.76 21.74 11.29
CA GLY A 203 5.25 20.55 11.95
C GLY A 203 3.75 20.34 11.92
N ALA A 204 3.31 19.31 12.64
CA ALA A 204 1.92 18.90 12.63
C ALA A 204 0.95 19.98 13.13
N LEU A 205 1.38 20.82 14.07
CA LEU A 205 0.52 21.88 14.57
C LEU A 205 0.16 22.88 13.49
N GLY A 206 1.04 23.05 12.52
CA GLY A 206 0.83 24.06 11.51
C GLY A 206 0.47 23.38 10.22
N GLY A 207 0.79 22.09 10.15
CA GLY A 207 0.39 21.30 9.02
C GLY A 207 -1.12 21.34 9.00
N ASP A 208 -1.71 21.33 10.18
CA ASP A 208 -3.15 21.33 10.31
C ASP A 208 -3.64 22.71 10.70
N LYS A 209 -3.14 23.69 10.00
CA LYS A 209 -3.72 25.01 10.04
C LYS A 209 -3.77 25.33 8.57
N ILE A 210 -2.62 25.12 7.95
CA ILE A 210 -2.49 25.33 6.52
C ILE A 210 -3.45 24.45 5.76
N LEU A 211 -3.47 23.17 6.06
CA LEU A 211 -4.30 22.21 5.36
C LEU A 211 -5.76 22.59 5.49
N LYS A 212 -6.18 22.81 6.73
CA LYS A 212 -7.58 23.06 7.06
C LYS A 212 -8.07 24.26 6.29
N ARG A 213 -7.21 25.26 6.14
CA ARG A 213 -7.49 26.41 5.31
C ARG A 213 -7.77 25.97 3.89
N ARG A 214 -6.72 25.60 3.19
CA ARG A 214 -6.79 25.27 1.77
C ARG A 214 -7.77 24.16 1.41
N LEU A 215 -8.61 23.75 2.36
CA LEU A 215 -9.68 22.81 2.09
C LEU A 215 -10.95 23.36 2.70
N GLU A 216 -10.85 24.56 3.24
CA GLU A 216 -12.00 25.40 3.40
C GLU A 216 -12.00 26.31 2.18
N VAL A 217 -11.75 27.59 2.44
CA VAL A 217 -11.51 28.67 1.46
C VAL A 217 -11.85 28.44 -0.02
N SER A 218 -11.01 27.68 -0.74
CA SER A 218 -11.29 27.44 -2.15
C SER A 218 -12.29 26.32 -2.32
N ASP A 219 -12.90 25.91 -1.22
CA ASP A 219 -14.16 25.20 -1.34
C ASP A 219 -15.21 26.23 -1.55
N LYS A 220 -14.93 27.46 -1.11
CA LYS A 220 -15.85 28.54 -1.42
C LYS A 220 -15.58 28.90 -2.88
N GLN A 221 -16.51 29.65 -3.46
CA GLN A 221 -16.54 29.94 -4.89
C GLN A 221 -15.20 30.16 -5.57
N HIS A 222 -14.60 29.09 -6.08
CA HIS A 222 -13.44 29.26 -6.96
C HIS A 222 -13.15 28.13 -7.98
N PRO A 223 -13.14 26.85 -7.56
CA PRO A 223 -12.96 25.82 -8.59
C PRO A 223 -14.06 24.76 -8.61
N GLU A 224 -14.16 24.04 -9.72
CA GLU A 224 -15.36 23.24 -10.02
C GLU A 224 -15.34 21.87 -9.39
N LEU A 225 -14.63 20.92 -10.03
CA LEU A 225 -14.66 19.55 -9.53
C LEU A 225 -13.64 19.35 -8.42
N GLN A 226 -12.62 20.19 -8.35
CA GLN A 226 -11.74 20.19 -7.20
C GLN A 226 -12.49 20.55 -5.91
N SER A 227 -13.79 20.81 -6.02
CA SER A 227 -14.56 21.02 -4.80
C SER A 227 -14.82 19.70 -4.09
N LEU A 228 -13.84 18.80 -4.19
CA LEU A 228 -13.86 17.49 -3.53
C LEU A 228 -13.27 17.63 -2.15
N ARG A 229 -13.13 18.86 -1.69
CA ARG A 229 -12.76 19.07 -0.32
C ARG A 229 -13.92 18.57 0.50
N ARG A 230 -15.09 18.49 -0.14
CA ARG A 230 -16.29 18.07 0.56
C ARG A 230 -16.36 16.58 0.80
N HIS A 231 -15.69 15.80 -0.06
CA HIS A 231 -15.68 14.33 0.04
C HIS A 231 -14.47 13.65 0.68
N ILE A 232 -13.34 14.37 0.73
CA ILE A 232 -12.07 13.84 1.24
C ILE A 232 -12.12 13.01 2.52
N SER A 233 -12.58 13.60 3.63
CA SER A 233 -12.59 12.92 4.92
C SER A 233 -13.05 11.49 4.79
N SER A 234 -14.24 11.35 4.25
CA SER A 234 -14.90 10.07 4.04
C SER A 234 -13.98 8.99 3.51
N CYS A 235 -13.07 9.36 2.60
CA CYS A 235 -12.28 8.37 1.90
C CYS A 235 -10.89 8.13 2.47
N PHE A 236 -10.65 8.56 3.70
CA PHE A 236 -9.35 8.34 4.33
C PHE A 236 -9.52 8.30 5.83
N THR A 237 -8.83 7.38 6.47
CA THR A 237 -8.92 7.36 7.93
C THR A 237 -8.32 8.64 8.48
N GLU A 238 -7.14 9.01 7.98
CA GLU A 238 -6.47 10.20 8.49
C GLU A 238 -5.82 10.95 7.37
N VAL A 239 -6.15 12.24 7.27
CA VAL A 239 -5.47 13.14 6.35
C VAL A 239 -4.87 14.27 7.16
N ALA A 240 -3.58 14.44 6.99
CA ALA A 240 -2.82 15.34 7.82
C ALA A 240 -1.67 15.88 7.02
N CYS A 241 -1.23 17.06 7.41
CA CYS A 241 -0.22 17.77 6.68
C CYS A 241 0.92 18.09 7.62
N PHE A 242 2.12 18.12 7.07
CA PHE A 242 3.32 18.48 7.81
C PHE A 242 4.16 19.48 7.03
N LEU A 243 4.81 20.40 7.74
CA LEU A 243 5.64 21.43 7.09
C LEU A 243 7.12 21.29 7.44
N MET A 244 7.96 21.03 6.44
CA MET A 244 9.42 20.94 6.65
C MET A 244 10.19 22.26 6.45
N PRO A 245 11.05 22.63 7.41
CA PRO A 245 12.07 23.64 7.13
C PRO A 245 12.92 23.28 5.92
N HIS A 246 13.27 24.25 5.11
CA HIS A 246 14.29 24.07 4.09
C HIS A 246 15.47 23.47 4.82
N PRO A 247 16.12 22.49 4.21
CA PRO A 247 17.34 21.90 4.73
C PRO A 247 18.44 22.93 4.71
N GLY A 248 18.81 23.38 3.53
CA GLY A 248 19.94 24.26 3.40
C GLY A 248 20.40 24.33 1.97
N LEU A 249 20.93 25.49 1.60
CA LEU A 249 21.37 25.76 0.23
C LEU A 249 22.42 24.79 -0.26
N ASN A 250 23.21 24.26 0.67
CA ASN A 250 24.25 23.29 0.36
C ASN A 250 23.72 21.89 -0.04
N VAL A 251 22.75 21.36 0.68
CA VAL A 251 22.11 20.15 0.18
C VAL A 251 21.31 20.42 -1.09
N ALA A 252 20.57 21.54 -1.13
CA ALA A 252 19.67 21.79 -2.23
C ALA A 252 20.42 21.90 -3.54
N THR A 253 21.64 22.45 -3.48
CA THR A 253 22.39 22.80 -4.68
C THR A 253 23.60 21.91 -4.95
N ASN A 254 23.61 20.74 -4.34
CA ASN A 254 24.72 19.86 -4.57
C ASN A 254 24.41 18.53 -5.20
N PRO A 255 25.22 18.18 -6.19
CA PRO A 255 25.14 16.95 -6.97
C PRO A 255 25.08 15.73 -6.06
N LYS A 256 26.22 15.28 -5.55
CA LYS A 256 26.28 13.99 -4.85
C LYS A 256 26.74 14.09 -3.38
N PHE A 257 25.78 14.52 -2.56
CA PHE A 257 25.98 14.89 -1.16
C PHE A 257 26.45 13.80 -0.18
N ASP A 258 27.35 14.18 0.74
CA ASP A 258 27.55 13.44 1.99
C ASP A 258 28.06 14.33 3.13
N GLY A 259 29.19 15.00 2.91
CA GLY A 259 29.72 15.96 3.88
C GLY A 259 29.76 15.57 5.35
N ARG A 260 28.69 15.91 6.07
CA ARG A 260 28.54 15.62 7.49
C ARG A 260 27.15 16.02 7.99
N LEU A 261 26.86 15.75 9.25
CA LEU A 261 25.53 16.06 9.78
C LEU A 261 25.38 17.52 10.15
N GLN A 262 26.49 18.25 10.20
CA GLN A 262 26.41 19.63 10.65
C GLN A 262 25.89 20.37 9.46
N ASP A 263 26.33 19.88 8.32
CA ASP A 263 26.05 20.46 7.03
C ASP A 263 24.55 20.63 6.78
N ILE A 264 23.75 20.01 7.63
CA ILE A 264 22.31 20.16 7.60
C ILE A 264 21.87 21.12 8.68
N THR A 265 20.85 21.92 8.39
CA THR A 265 20.31 22.84 9.39
C THR A 265 19.80 22.04 10.57
N PRO A 266 19.92 22.60 11.78
CA PRO A 266 19.31 22.09 13.00
C PRO A 266 17.80 22.10 12.97
N GLU A 267 17.20 23.00 12.20
CA GLU A 267 15.74 23.10 12.12
C GLU A 267 15.15 21.90 11.37
N PHE A 268 15.82 21.48 10.31
CA PHE A 268 15.56 20.24 9.61
C PHE A 268 15.67 19.05 10.54
N LYS A 269 16.83 18.87 11.15
CA LYS A 269 17.09 17.67 11.95
C LYS A 269 16.10 17.56 13.10
N SER A 270 15.76 18.71 13.68
CA SER A 270 14.88 18.76 14.81
C SER A 270 13.49 18.33 14.40
N SER A 271 13.28 18.32 13.10
CA SER A 271 11.97 18.10 12.51
C SER A 271 11.78 16.63 12.17
N LEU A 272 12.79 16.06 11.53
CA LEU A 272 12.94 14.63 11.39
C LEU A 272 12.56 13.94 12.67
N ARG A 273 13.23 14.33 13.75
CA ARG A 273 12.98 13.69 15.03
C ARG A 273 11.52 13.78 15.42
N SER A 274 10.82 14.80 14.97
CA SER A 274 9.39 14.82 15.19
C SER A 274 8.66 14.14 14.05
N LEU A 275 9.27 14.11 12.88
CA LEU A 275 8.63 13.53 11.71
C LEU A 275 8.62 12.01 11.74
N VAL A 276 9.79 11.45 11.47
CA VAL A 276 9.96 10.02 11.31
C VAL A 276 9.30 9.20 12.40
N PRO A 277 9.51 9.55 13.68
CA PRO A 277 8.73 8.83 14.69
C PRO A 277 7.23 8.94 14.43
N MET A 278 6.70 10.15 14.42
CA MET A 278 5.28 10.41 14.16
C MET A 278 4.64 9.38 13.23
N LEU A 279 5.39 8.96 12.21
CA LEU A 279 4.94 7.96 11.26
C LEU A 279 5.23 6.52 11.71
N LEU A 280 6.38 6.32 12.36
CA LEU A 280 6.86 4.95 12.65
C LEU A 280 6.98 4.55 14.16
N ALA A 281 6.98 3.24 14.40
CA ALA A 281 6.60 2.61 15.68
C ALA A 281 5.08 2.67 15.91
N PRO A 282 4.51 1.60 16.46
CA PRO A 282 3.05 1.52 16.64
C PRO A 282 2.63 2.22 17.92
N ASP A 283 1.41 2.76 17.96
CA ASP A 283 0.46 2.67 16.85
C ASP A 283 0.46 3.91 15.95
N ASN A 284 1.57 4.10 15.26
CA ASN A 284 1.67 5.02 14.13
C ASN A 284 1.91 4.14 12.93
N LEU A 285 2.18 2.88 13.25
CA LEU A 285 2.26 1.82 12.27
C LEU A 285 0.86 1.60 11.78
N VAL A 286 0.64 1.85 10.49
CA VAL A 286 -0.71 1.86 9.96
C VAL A 286 -1.06 0.61 9.17
N TYR A 287 -2.10 -0.06 9.65
CA TYR A 287 -2.62 -1.28 9.07
C TYR A 287 -3.23 -1.08 7.70
N LYS A 288 -2.64 -1.71 6.69
CA LYS A 288 -3.25 -1.77 5.37
C LYS A 288 -4.56 -2.53 5.46
N GLU A 289 -5.66 -1.88 5.10
CA GLU A 289 -6.96 -2.46 5.31
C GLU A 289 -7.85 -2.38 4.08
N ILE A 290 -7.74 -3.38 3.23
CA ILE A 290 -8.67 -3.54 2.12
C ILE A 290 -10.06 -3.92 2.64
N SER A 291 -11.09 -3.43 1.96
CA SER A 291 -12.49 -3.70 2.31
C SER A 291 -12.84 -3.18 3.69
N GLY A 292 -12.05 -3.53 4.70
CA GLY A 292 -12.31 -3.09 6.05
C GLY A 292 -11.59 -4.08 6.91
N GLN A 293 -10.70 -4.81 6.28
CA GLN A 293 -9.96 -5.88 6.93
C GLN A 293 -8.50 -5.85 6.54
N ARG A 294 -7.62 -6.12 7.51
CA ARG A 294 -6.19 -6.13 7.26
C ARG A 294 -5.82 -7.15 6.21
N VAL A 295 -4.60 -7.05 5.67
CA VAL A 295 -4.14 -7.99 4.66
C VAL A 295 -2.70 -8.45 4.90
N ARG A 296 -2.42 -9.70 4.56
CA ARG A 296 -1.08 -10.22 4.71
C ARG A 296 -0.26 -9.75 3.53
N ALA A 297 0.96 -10.25 3.45
CA ALA A 297 1.90 -9.81 2.45
C ALA A 297 1.78 -10.68 1.23
N ARG A 298 1.34 -11.93 1.44
CA ARG A 298 1.25 -12.84 0.32
C ARG A 298 0.11 -12.43 -0.63
N ASP A 299 -0.68 -11.47 -0.19
CA ASP A 299 -1.83 -11.00 -0.95
C ASP A 299 -1.51 -9.71 -1.70
N LEU A 300 -0.48 -9.00 -1.25
CA LEU A 300 -0.05 -7.84 -1.99
C LEU A 300 0.32 -8.27 -3.40
N ILE A 301 0.99 -9.41 -3.50
CA ILE A 301 1.45 -9.93 -4.78
C ILE A 301 0.27 -10.16 -5.72
N GLN A 302 -0.91 -10.33 -5.13
CA GLN A 302 -2.13 -10.30 -5.92
C GLN A 302 -2.44 -8.86 -6.32
N TYR A 303 -2.84 -8.05 -5.34
CA TYR A 303 -3.22 -6.64 -5.53
C TYR A 303 -2.28 -5.89 -6.46
N PHE A 304 -0.99 -6.22 -6.37
CA PHE A 304 -0.01 -5.63 -7.27
C PHE A 304 -0.29 -5.90 -8.74
N GLN A 305 -0.52 -7.16 -9.09
CA GLN A 305 -0.71 -7.53 -10.49
C GLN A 305 -2.12 -7.24 -10.99
N SER A 306 -3.04 -7.05 -10.05
CA SER A 306 -4.43 -6.81 -10.39
C SER A 306 -4.65 -5.40 -10.95
N TYR A 307 -4.38 -4.41 -10.10
CA TYR A 307 -4.38 -3.01 -10.48
C TYR A 307 -3.57 -2.89 -11.74
N MET A 308 -2.29 -3.20 -11.59
CA MET A 308 -1.32 -3.08 -12.66
C MET A 308 -1.82 -3.53 -14.04
N ASN A 309 -2.84 -4.37 -14.08
CA ASN A 309 -3.45 -4.68 -15.36
C ASN A 309 -4.11 -3.42 -15.89
N ILE A 310 -5.19 -3.01 -15.25
CA ILE A 310 -5.94 -1.87 -15.72
C ILE A 310 -5.21 -0.54 -15.54
N TYR A 311 -3.88 -0.58 -15.66
CA TYR A 311 -3.07 0.64 -15.58
C TYR A 311 -2.33 0.86 -16.89
N LYS A 312 -2.63 1.99 -17.52
CA LYS A 312 -2.51 2.16 -18.96
C LYS A 312 -3.32 1.02 -19.62
N GLY A 313 -4.42 0.66 -18.95
CA GLY A 313 -5.33 -0.37 -19.43
C GLY A 313 -4.89 -1.82 -19.31
N ASN A 314 -3.59 -2.05 -19.51
CA ASN A 314 -3.02 -3.32 -19.98
C ASN A 314 -3.33 -3.45 -21.47
N GLU A 315 -4.17 -2.54 -21.95
CA GLU A 315 -4.63 -2.52 -23.34
C GLU A 315 -4.81 -1.07 -23.83
N LEU A 316 -5.66 -0.33 -23.13
CA LEU A 316 -6.00 1.04 -23.49
C LEU A 316 -6.72 1.83 -22.38
N PRO A 317 -7.94 1.38 -21.97
CA PRO A 317 -8.81 2.29 -21.19
C PRO A 317 -8.61 2.32 -19.66
N GLU A 318 -8.90 3.49 -19.10
CA GLU A 318 -8.91 3.75 -17.66
C GLU A 318 -10.28 4.38 -17.32
N PRO A 319 -10.51 4.78 -16.06
CA PRO A 319 -9.98 4.39 -14.76
C PRO A 319 -11.19 4.17 -13.86
N LYS A 320 -11.54 5.17 -13.05
CA LYS A 320 -12.67 5.16 -12.10
C LYS A 320 -13.14 3.80 -11.52
N SER A 321 -13.12 2.75 -12.35
CA SER A 321 -13.36 1.40 -11.89
C SER A 321 -12.33 0.51 -12.55
N MET A 322 -11.13 0.34 -11.96
CA MET A 322 -10.80 0.52 -10.52
C MET A 322 -11.56 -0.42 -9.59
N LEU A 323 -12.78 -0.07 -9.20
CA LEU A 323 -13.57 -0.94 -8.34
C LEU A 323 -13.80 -2.35 -8.96
N VAL A 324 -13.73 -2.45 -10.28
CA VAL A 324 -13.69 -3.75 -10.91
C VAL A 324 -12.44 -4.45 -10.43
N ALA A 325 -11.32 -3.77 -10.55
CA ALA A 325 -10.03 -4.38 -10.31
C ALA A 325 -9.78 -4.68 -8.82
N THR A 326 -10.25 -3.80 -7.95
CA THR A 326 -10.00 -4.00 -6.53
C THR A 326 -10.75 -5.21 -6.02
N ALA A 327 -12.05 -5.25 -6.30
CA ALA A 327 -12.91 -6.38 -5.95
C ALA A 327 -12.37 -7.69 -6.51
N GLU A 328 -12.05 -7.68 -7.80
CA GLU A 328 -11.53 -8.87 -8.49
C GLU A 328 -10.21 -9.39 -7.89
N ALA A 329 -9.56 -8.59 -7.06
CA ALA A 329 -8.39 -9.04 -6.31
C ALA A 329 -8.76 -9.11 -4.85
N ASN A 330 -9.84 -8.40 -4.51
CA ASN A 330 -10.42 -8.50 -3.19
C ASN A 330 -10.94 -9.90 -3.03
N HIS A 331 -11.29 -10.51 -4.18
CA HIS A 331 -12.00 -11.78 -4.23
C HIS A 331 -11.15 -13.01 -4.55
N LEU A 332 -10.31 -12.91 -5.58
CA LEU A 332 -9.48 -14.03 -6.02
C LEU A 332 -8.42 -14.38 -4.98
N THR A 333 -8.31 -13.54 -3.97
CA THR A 333 -7.36 -13.74 -2.91
C THR A 333 -7.97 -14.67 -1.88
N ALA A 334 -9.27 -14.56 -1.67
CA ALA A 334 -9.97 -15.46 -0.76
C ALA A 334 -10.09 -16.86 -1.36
N VAL A 335 -10.10 -16.93 -2.68
CA VAL A 335 -10.15 -18.21 -3.35
C VAL A 335 -8.85 -18.92 -3.05
N ALA A 336 -7.75 -18.24 -3.30
CA ALA A 336 -6.47 -18.85 -3.06
C ALA A 336 -6.22 -18.93 -1.55
N ALA A 337 -7.04 -18.23 -0.79
CA ALA A 337 -6.94 -18.33 0.65
C ALA A 337 -7.71 -19.55 1.11
N ALA A 338 -8.84 -19.81 0.45
CA ALA A 338 -9.61 -21.03 0.71
C ALA A 338 -9.45 -22.03 -0.42
N LYS A 339 -8.20 -22.33 -0.78
CA LYS A 339 -7.89 -23.45 -1.65
C LYS A 339 -6.64 -24.08 -1.06
N GLU A 340 -5.75 -23.24 -0.53
CA GLU A 340 -4.65 -23.70 0.28
C GLU A 340 -5.20 -24.46 1.47
N LEU A 341 -6.28 -23.94 2.04
CA LEU A 341 -6.90 -24.55 3.20
C LEU A 341 -7.40 -25.94 2.86
N TYR A 342 -7.95 -26.08 1.67
CA TYR A 342 -8.54 -27.33 1.21
C TYR A 342 -7.53 -28.47 1.25
N GLY A 343 -6.44 -28.30 0.51
CA GLY A 343 -5.34 -29.25 0.54
C GLY A 343 -4.88 -29.45 1.97
N GLN A 344 -4.46 -28.36 2.61
CA GLN A 344 -4.07 -28.40 4.03
C GLN A 344 -5.27 -28.58 4.93
N LEU A 345 -6.02 -29.65 4.70
CA LEU A 345 -7.08 -30.11 5.59
C LEU A 345 -7.46 -31.46 5.04
N MET A 346 -7.26 -31.61 3.74
CA MET A 346 -7.61 -32.84 3.05
C MET A 346 -6.43 -33.79 3.06
N GLU A 347 -5.51 -33.62 2.12
CA GLU A 347 -4.40 -34.57 1.95
C GLU A 347 -3.54 -34.82 3.19
N GLU A 348 -4.06 -34.44 4.35
CA GLU A 348 -3.47 -34.76 5.65
C GLU A 348 -4.46 -35.61 6.46
N VAL A 349 -5.64 -35.05 6.73
CA VAL A 349 -6.70 -35.82 7.38
C VAL A 349 -7.24 -36.87 6.41
N CYS A 350 -7.29 -36.51 5.13
CA CYS A 350 -7.89 -37.37 4.12
C CYS A 350 -6.90 -37.66 3.00
N GLY A 351 -5.75 -38.23 3.36
CA GLY A 351 -4.76 -38.60 2.37
C GLY A 351 -3.35 -38.54 2.91
N GLY A 352 -2.38 -38.76 2.03
CA GLY A 352 -0.98 -38.63 2.39
C GLY A 352 -0.36 -39.89 2.96
N THR A 353 -0.28 -39.97 4.28
CA THR A 353 0.26 -41.15 4.93
C THR A 353 -0.82 -42.23 5.01
N ARG A 354 -2.03 -41.85 4.60
CA ARG A 354 -3.11 -42.81 4.34
C ARG A 354 -3.85 -42.32 3.08
N PRO A 355 -3.34 -42.72 1.90
CA PRO A 355 -3.57 -42.07 0.60
C PRO A 355 -4.91 -42.32 -0.11
N TYR A 356 -4.82 -42.31 -1.44
CA TYR A 356 -5.92 -42.07 -2.38
C TYR A 356 -6.84 -43.28 -2.71
N LEU A 357 -7.17 -44.11 -1.72
CA LEU A 357 -7.93 -45.34 -1.98
C LEU A 357 -9.29 -45.46 -1.29
N SER A 358 -10.24 -46.07 -2.00
CA SER A 358 -11.66 -45.93 -1.70
C SER A 358 -12.01 -46.21 -0.25
N THR A 359 -13.10 -45.60 0.24
CA THR A 359 -13.52 -45.83 1.62
C THR A 359 -14.89 -46.46 1.94
N ALA A 360 -15.97 -46.27 1.16
CA ALA A 360 -16.09 -45.37 0.00
C ALA A 360 -16.96 -44.17 0.36
N HIS A 361 -16.32 -43.20 1.02
CA HIS A 361 -17.00 -42.03 1.55
C HIS A 361 -15.95 -41.05 2.05
N LEU A 362 -14.73 -41.13 1.49
CA LEU A 362 -13.74 -40.07 1.68
C LEU A 362 -14.41 -38.83 1.13
N GLN A 363 -15.26 -39.08 0.12
CA GLN A 363 -16.21 -38.12 -0.39
C GLN A 363 -16.88 -37.42 0.78
N THR A 364 -17.51 -38.19 1.65
CA THR A 364 -18.19 -37.65 2.83
C THR A 364 -17.22 -36.80 3.63
N GLU A 365 -15.96 -37.26 3.71
CA GLU A 365 -14.93 -36.51 4.42
C GLU A 365 -14.47 -35.30 3.62
N HIS A 366 -14.50 -35.45 2.30
CA HIS A 366 -14.13 -34.37 1.39
C HIS A 366 -15.21 -33.30 1.33
N LEU A 367 -16.47 -33.71 1.41
CA LEU A 367 -17.57 -32.76 1.50
C LEU A 367 -17.30 -31.82 2.67
N ARG A 368 -16.91 -32.40 3.81
CA ARG A 368 -16.62 -31.66 5.03
C ARG A 368 -15.65 -30.53 4.74
N VAL A 369 -14.47 -30.91 4.27
CA VAL A 369 -13.41 -29.96 3.99
C VAL A 369 -13.82 -28.98 2.91
N LYS A 370 -14.48 -29.47 1.87
CA LYS A 370 -15.05 -28.61 0.84
C LYS A 370 -15.95 -27.60 1.52
N ASP A 371 -16.82 -28.10 2.38
CA ASP A 371 -17.69 -27.22 3.15
C ASP A 371 -16.90 -26.21 3.96
N LYS A 372 -15.98 -26.69 4.78
CA LYS A 372 -15.03 -25.82 5.48
C LYS A 372 -14.50 -24.76 4.53
N ALA A 373 -14.09 -25.19 3.34
CA ALA A 373 -13.56 -24.27 2.33
C ALA A 373 -14.61 -23.30 1.81
N LEU A 374 -15.82 -23.40 2.34
CA LEU A 374 -16.91 -22.54 1.93
C LEU A 374 -17.63 -22.00 3.16
N PHE A 375 -17.84 -22.89 4.12
CA PHE A 375 -18.42 -22.52 5.40
C PHE A 375 -17.50 -21.53 6.13
N GLN A 376 -16.20 -21.75 6.04
CA GLN A 376 -15.23 -20.82 6.60
C GLN A 376 -14.60 -19.95 5.52
N PHE A 377 -15.15 -20.01 4.32
CA PHE A 377 -14.70 -19.12 3.27
C PHE A 377 -15.28 -17.75 3.50
N ALA A 378 -16.61 -17.70 3.53
CA ALA A 378 -17.33 -16.47 3.76
C ALA A 378 -16.87 -15.87 5.07
N ALA A 379 -15.65 -15.33 5.06
CA ALA A 379 -15.02 -14.83 6.27
C ALA A 379 -15.75 -13.59 6.79
N LYS A 380 -16.45 -12.91 5.89
CA LYS A 380 -17.21 -11.70 6.18
C LYS A 380 -16.30 -10.52 6.54
N ARG A 381 -16.19 -9.57 5.62
CA ARG A 381 -16.80 -9.66 4.30
C ARG A 381 -15.83 -8.98 3.33
N LYS A 382 -15.80 -9.50 2.11
CA LYS A 382 -14.99 -8.90 1.07
C LYS A 382 -15.89 -7.86 0.42
N MET A 383 -15.75 -7.66 -0.88
CA MET A 383 -16.62 -6.73 -1.60
C MET A 383 -16.50 -6.85 -3.12
N GLY A 384 -17.54 -6.36 -3.79
CA GLY A 384 -17.57 -6.27 -5.25
C GLY A 384 -18.97 -6.15 -5.80
N GLY A 385 -19.93 -6.79 -5.13
CA GLY A 385 -21.31 -6.79 -5.58
C GLY A 385 -22.11 -7.91 -4.94
N GLU A 386 -22.94 -8.57 -5.73
CA GLU A 386 -23.70 -9.75 -5.29
C GLU A 386 -23.61 -10.90 -6.30
N GLU A 387 -24.05 -10.65 -7.52
CA GLU A 387 -23.91 -11.64 -8.58
C GLU A 387 -22.47 -11.63 -9.07
N PHE A 388 -21.73 -10.61 -8.64
CA PHE A 388 -20.32 -10.48 -8.96
C PHE A 388 -19.45 -11.30 -8.03
N THR A 389 -19.81 -11.33 -6.76
CA THR A 389 -19.06 -12.11 -5.80
C THR A 389 -19.34 -13.62 -5.96
N GLU A 390 -20.57 -14.05 -5.65
CA GLU A 390 -20.94 -15.46 -5.67
C GLU A 390 -20.59 -16.16 -6.99
N LYS A 391 -20.34 -15.38 -8.03
CA LYS A 391 -19.78 -15.91 -9.26
C LYS A 391 -18.54 -16.75 -8.95
N PHE A 392 -17.79 -16.33 -7.94
CA PHE A 392 -16.54 -16.99 -7.57
C PHE A 392 -16.70 -18.32 -6.86
N ARG A 393 -17.58 -18.38 -5.87
CA ARG A 393 -17.79 -19.64 -5.18
C ARG A 393 -18.34 -20.70 -6.15
N LYS A 394 -19.01 -20.24 -7.20
CA LYS A 394 -19.39 -21.13 -8.29
C LYS A 394 -18.14 -21.79 -8.85
N GLN A 395 -17.07 -21.01 -8.97
CA GLN A 395 -15.82 -21.57 -9.44
C GLN A 395 -14.91 -22.03 -8.32
N LEU A 396 -15.36 -21.94 -7.08
CA LEU A 396 -14.61 -22.64 -6.05
C LEU A 396 -15.05 -24.09 -6.10
N GLU A 397 -16.36 -24.31 -5.99
CA GLU A 397 -16.94 -25.65 -6.14
C GLU A 397 -16.33 -26.36 -7.34
N ASP A 398 -16.47 -25.79 -8.52
CA ASP A 398 -15.96 -26.42 -9.72
C ASP A 398 -14.44 -26.49 -9.77
N ASP A 399 -13.78 -25.92 -8.78
CA ASP A 399 -12.32 -26.05 -8.73
C ASP A 399 -11.95 -26.86 -7.50
N LEU A 400 -12.85 -26.87 -6.54
CA LEU A 400 -12.73 -27.77 -5.42
C LEU A 400 -13.17 -29.16 -5.89
N GLU A 401 -14.40 -29.27 -6.35
CA GLU A 401 -14.93 -30.54 -6.83
C GLU A 401 -14.07 -31.20 -7.93
N GLU A 402 -13.02 -30.51 -8.39
CA GLU A 402 -12.09 -31.16 -9.31
C GLU A 402 -10.91 -31.81 -8.58
N VAL A 403 -11.24 -32.52 -7.50
CA VAL A 403 -10.32 -33.45 -6.85
C VAL A 403 -11.09 -34.74 -6.57
N PHE A 404 -12.39 -34.60 -6.35
CA PHE A 404 -13.32 -35.73 -6.36
C PHE A 404 -13.29 -36.43 -7.72
N THR A 405 -13.20 -35.64 -8.79
CA THR A 405 -13.01 -36.18 -10.12
C THR A 405 -11.52 -36.32 -10.42
N ASN A 406 -10.85 -37.14 -9.60
CA ASN A 406 -9.40 -37.29 -9.66
C ASN A 406 -8.97 -38.46 -8.75
N TYR A 407 -7.75 -38.98 -8.91
CA TYR A 407 -6.72 -38.50 -9.85
C TYR A 407 -6.50 -39.46 -11.02
N GLN A 408 -6.06 -40.69 -10.73
CA GLN A 408 -5.76 -41.67 -11.77
C GLN A 408 -6.45 -43.03 -11.57
N ALA A 409 -7.74 -43.09 -11.92
CA ALA A 409 -8.50 -44.33 -11.89
C ALA A 409 -8.76 -44.84 -13.30
PB GDP B . 13.47 12.46 -5.65
O1B GDP B . 12.61 13.38 -4.83
O2B GDP B . 13.51 11.07 -5.06
O3B GDP B . 13.00 12.34 -7.08
O3A GDP B . 14.93 13.07 -5.72
PA GDP B . 15.85 13.02 -4.41
O1A GDP B . 15.12 12.54 -3.18
O2A GDP B . 16.92 12.01 -4.75
O5' GDP B . 16.34 14.55 -4.28
C5' GDP B . 17.70 14.92 -4.02
C4' GDP B . 17.98 16.43 -4.05
O4' GDP B . 17.07 17.13 -3.20
C3' GDP B . 19.33 16.77 -3.45
O3' GDP B . 19.84 17.99 -4.01
C2' GDP B . 19.03 17.10 -2.01
O2' GDP B . 20.01 18.01 -1.51
C1' GDP B . 17.75 17.86 -2.17
N9 GDP B . 16.90 17.86 -0.98
C8 GDP B . 16.68 16.85 -0.15
N7 GDP B . 15.79 17.24 0.80
C5 GDP B . 15.42 18.50 0.56
C6 GDP B . 14.50 19.51 1.14
O6 GDP B . 13.82 19.30 2.16
N1 GDP B . 14.43 20.71 0.54
C2 GDP B . 15.16 21.02 -0.54
N2 GDP B . 15.00 22.26 -1.09
N3 GDP B . 16.00 20.14 -1.14
C4 GDP B . 16.16 18.90 -0.64
MG MG C . 13.18 9.53 -6.46
#